data_7LQ0
#
_entry.id   7LQ0
#
_cell.length_a   58.529
_cell.length_b   74.200
_cell.length_c   96.487
_cell.angle_alpha   90.000
_cell.angle_beta   90.000
_cell.angle_gamma   90.000
#
_symmetry.space_group_name_H-M   'P 21 21 21'
#
loop_
_entity.id
_entity.type
_entity.pdbx_description
1 polymer 'ERI1 exoribonuclease 3'
2 non-polymer 'ADENOSINE MONOPHOSPHATE'
3 non-polymer 'MAGNESIUM ION'
4 non-polymer GLYCEROL
5 water water
#
_entity_poly.entity_id   1
_entity_poly.type   'polypeptide(L)'
_entity_poly.pdbx_seq_one_letter_code
;MHHHHHHENLYFQSMSFPPQRYHYFLVLDFEATCDKPQIHPQEIIEFPILKLNGRTMEIESTFHMYVQPVVHPQLTPFCT
ELTGIIQAMVDGQPSLQQVLERVDEWMAKEGLLDPNVKSIFVTCGDWDLKVMLPGQCQYLGLPVADYFKQWINLKKAYSF
AMGCWPKNGLLDMNKGLSLQHIGRPHSGIDDCKNIANIMKTLAYRGFIFKQTSKPF
;
_entity_poly.pdbx_strand_id   A,B
#
loop_
_chem_comp.id
_chem_comp.type
_chem_comp.name
_chem_comp.formula
AMP non-polymer 'ADENOSINE MONOPHOSPHATE' 'C10 H14 N5 O7 P'
GOL non-polymer GLYCEROL 'C3 H8 O3'
MG non-polymer 'MAGNESIUM ION' 'Mg 2'
#
# COMPACT_ATOMS: atom_id res chain seq x y z
N MET A 15 -29.10 -4.19 -8.71
CA MET A 15 -28.68 -5.43 -8.03
C MET A 15 -28.24 -5.18 -6.58
N SER A 16 -28.76 -5.99 -5.67
CA SER A 16 -28.41 -5.89 -4.26
C SER A 16 -27.03 -6.52 -4.04
N PHE A 17 -26.17 -5.84 -3.28
CA PHE A 17 -24.78 -6.25 -3.04
C PHE A 17 -24.04 -6.47 -4.36
N PRO A 18 -23.82 -5.40 -5.13
CA PRO A 18 -23.12 -5.54 -6.41
C PRO A 18 -21.64 -5.81 -6.18
N PRO A 19 -20.90 -6.20 -7.22
CA PRO A 19 -19.44 -6.29 -7.06
C PRO A 19 -18.87 -4.91 -6.74
N GLN A 20 -17.88 -4.91 -5.87
CA GLN A 20 -17.24 -3.69 -5.39
C GLN A 20 -15.84 -3.57 -5.97
N ARG A 21 -15.27 -2.39 -5.80
CA ARG A 21 -13.96 -2.11 -6.36
C ARG A 21 -12.83 -2.49 -5.43
N TYR A 22 -13.13 -2.93 -4.21
CA TYR A 22 -12.12 -3.19 -3.20
C TYR A 22 -12.37 -4.58 -2.62
N HIS A 23 -11.29 -5.29 -2.31
CA HIS A 23 -11.44 -6.57 -1.61
C HIS A 23 -11.86 -6.36 -0.16
N TYR A 24 -11.43 -5.24 0.44
CA TYR A 24 -11.76 -4.94 1.83
C TYR A 24 -11.92 -3.45 2.01
N PHE A 25 -12.80 -3.09 2.93
CA PHE A 25 -12.94 -1.72 3.40
C PHE A 25 -12.45 -1.65 4.82
N LEU A 26 -11.70 -0.59 5.15
CA LEU A 26 -11.10 -0.45 6.49
C LEU A 26 -11.76 0.73 7.20
N VAL A 27 -12.69 0.43 8.11
CA VAL A 27 -13.50 1.47 8.74
C VAL A 27 -12.72 2.02 9.92
N LEU A 28 -12.60 3.35 10.01
CA LEU A 28 -11.81 3.96 11.07
C LEU A 28 -12.57 5.18 11.59
N ASP A 29 -12.54 5.39 12.93
CA ASP A 29 -13.20 6.55 13.53
C ASP A 29 -12.46 6.86 14.83
N PHE A 30 -11.54 7.82 14.78
CA PHE A 30 -10.73 8.15 15.96
C PHE A 30 -11.58 8.75 17.07
N GLU A 31 -11.13 8.56 18.32
CA GLU A 31 -11.39 9.57 19.33
C GLU A 31 -10.10 10.28 19.69
N ALA A 32 -10.21 11.54 20.15
CA ALA A 32 -9.04 12.34 20.45
C ALA A 32 -9.26 13.12 21.74
N THR A 33 -8.17 13.54 22.37
CA THR A 33 -8.34 14.47 23.49
C THR A 33 -9.14 15.69 23.03
N CYS A 34 -9.82 16.34 23.97
CA CYS A 34 -10.66 17.48 23.65
C CYS A 34 -10.97 18.18 24.96
N ASP A 35 -11.65 19.34 24.86
CA ASP A 35 -11.99 20.16 25.99
C ASP A 35 -12.96 21.22 25.49
N LYS A 36 -13.48 22.02 26.41
CA LYS A 36 -14.33 23.15 26.06
C LYS A 36 -13.70 24.41 26.65
N PRO A 37 -13.20 25.38 25.85
CA PRO A 37 -13.06 25.33 24.38
C PRO A 37 -11.98 24.35 24.01
N GLN A 38 -11.77 24.14 22.73
CA GLN A 38 -11.07 22.94 22.29
C GLN A 38 -9.63 22.93 22.76
N ILE A 39 -9.14 21.73 23.09
CA ILE A 39 -7.77 21.59 23.55
C ILE A 39 -6.84 21.75 22.35
N HIS A 40 -5.58 22.15 22.60
CA HIS A 40 -4.61 22.29 21.51
C HIS A 40 -3.21 21.90 21.97
N PRO A 41 -2.53 20.98 21.27
CA PRO A 41 -3.13 20.22 20.16
C PRO A 41 -4.02 19.08 20.63
N GLN A 42 -4.87 18.57 19.74
CA GLN A 42 -5.57 17.32 20.01
C GLN A 42 -4.67 16.15 19.73
N GLU A 43 -4.94 15.03 20.39
CA GLU A 43 -4.14 13.84 20.26
C GLU A 43 -5.04 12.61 20.21
N ILE A 44 -4.74 11.70 19.30
CA ILE A 44 -5.55 10.49 19.17
C ILE A 44 -5.44 9.65 20.44
N ILE A 45 -6.59 9.24 20.99
CA ILE A 45 -6.61 8.36 22.17
C ILE A 45 -7.30 7.02 21.90
N GLU A 46 -7.96 6.83 20.76
CA GLU A 46 -8.57 5.55 20.45
C GLU A 46 -8.41 5.33 18.96
N PHE A 47 -7.90 4.17 18.59
CA PHE A 47 -7.50 3.88 17.23
C PHE A 47 -8.17 2.56 16.83
N PRO A 48 -9.40 2.62 16.29
CA PRO A 48 -10.10 1.41 15.82
C PRO A 48 -10.02 1.27 14.30
N ILE A 49 -9.91 0.04 13.81
CA ILE A 49 -10.09 -0.27 12.39
C ILE A 49 -10.93 -1.55 12.31
N LEU A 50 -12.03 -1.51 11.58
CA LEU A 50 -12.77 -2.72 11.25
C LEU A 50 -12.50 -3.08 9.80
N LYS A 51 -12.05 -4.32 9.58
CA LYS A 51 -11.82 -4.84 8.24
C LYS A 51 -13.10 -5.48 7.76
N LEU A 52 -13.73 -4.91 6.71
CA LEU A 52 -14.99 -5.42 6.17
C LEU A 52 -14.72 -6.20 4.89
N ASN A 53 -15.38 -7.34 4.77
CA ASN A 53 -15.43 -8.02 3.49
C ASN A 53 -15.96 -7.07 2.43
N GLY A 54 -15.22 -6.96 1.32
CA GLY A 54 -15.52 -5.92 0.33
C GLY A 54 -16.85 -6.10 -0.38
N ARG A 55 -17.36 -7.32 -0.44
CA ARG A 55 -18.61 -7.56 -1.14
C ARG A 55 -19.79 -7.49 -0.19
N THR A 56 -19.69 -8.14 0.96
CA THR A 56 -20.81 -8.27 1.89
C THR A 56 -20.84 -7.21 2.96
N MET A 57 -19.72 -6.52 3.17
CA MET A 57 -19.56 -5.53 4.23
C MET A 57 -19.58 -6.16 5.62
N GLU A 58 -19.51 -7.48 5.75
CA GLU A 58 -19.39 -8.09 7.07
C GLU A 58 -18.02 -7.85 7.71
N ILE A 59 -18.03 -7.66 9.03
CA ILE A 59 -16.81 -7.43 9.77
C ILE A 59 -16.05 -8.74 9.89
N GLU A 60 -14.81 -8.77 9.41
CA GLU A 60 -13.98 -9.97 9.52
C GLU A 60 -12.83 -9.84 10.51
N SER A 61 -12.35 -8.63 10.80
CA SER A 61 -11.26 -8.48 11.76
CA SER A 61 -11.23 -8.46 11.72
C SER A 61 -11.33 -7.09 12.37
N THR A 62 -10.81 -6.95 13.59
CA THR A 62 -10.85 -5.69 14.31
C THR A 62 -9.47 -5.36 14.85
N PHE A 63 -8.97 -4.18 14.51
CA PHE A 63 -7.83 -3.61 15.22
C PHE A 63 -8.39 -2.64 16.25
N HIS A 64 -7.91 -2.72 17.50
CA HIS A 64 -8.40 -1.71 18.45
C HIS A 64 -7.36 -1.47 19.54
N MET A 65 -6.89 -0.22 19.63
CA MET A 65 -5.98 0.15 20.71
C MET A 65 -6.34 1.52 21.22
N TYR A 66 -6.33 1.67 22.55
CA TYR A 66 -6.30 3.00 23.12
C TYR A 66 -4.87 3.51 23.10
N VAL A 67 -4.70 4.83 23.10
CA VAL A 67 -3.42 5.45 22.83
C VAL A 67 -3.11 6.43 23.94
N GLN A 68 -1.85 6.42 24.43
CA GLN A 68 -1.50 7.33 25.51
C GLN A 68 -1.14 8.72 25.00
N PRO A 69 -1.92 9.75 25.32
CA PRO A 69 -1.50 11.10 24.92
C PRO A 69 -0.32 11.60 25.75
N VAL A 70 0.43 12.52 25.15
CA VAL A 70 1.71 12.97 25.69
C VAL A 70 1.74 14.48 25.96
N VAL A 71 1.26 15.29 25.00
CA VAL A 71 1.28 16.74 25.19
C VAL A 71 0.32 17.14 26.30
N HIS A 72 -0.88 16.58 26.30
CA HIS A 72 -1.87 16.78 27.37
C HIS A 72 -2.21 15.40 27.88
N PRO A 73 -1.42 14.87 28.80
CA PRO A 73 -1.58 13.44 29.16
C PRO A 73 -2.78 13.16 30.04
N GLN A 74 -3.37 14.15 30.72
CA GLN A 74 -4.53 13.91 31.58
C GLN A 74 -5.82 14.21 30.82
N LEU A 75 -6.66 13.19 30.66
CA LEU A 75 -7.93 13.39 29.94
C LEU A 75 -8.78 14.38 30.71
N THR A 76 -9.39 15.35 30.00
CA THR A 76 -10.24 16.32 30.67
C THR A 76 -11.58 15.70 31.02
N PRO A 77 -12.30 16.29 31.98
CA PRO A 77 -13.64 15.78 32.27
C PRO A 77 -14.52 15.79 31.04
N PHE A 78 -14.42 16.84 30.23
CA PHE A 78 -15.20 16.86 29.00
C PHE A 78 -14.86 15.68 28.08
N CYS A 79 -13.58 15.38 27.91
CA CYS A 79 -13.20 14.28 27.03
C CYS A 79 -13.77 12.96 27.52
N THR A 80 -13.68 12.71 28.82
CA THR A 80 -14.17 11.43 29.35
C THR A 80 -15.69 11.36 29.26
N GLU A 81 -16.37 12.50 29.45
CA GLU A 81 -17.81 12.51 29.30
C GLU A 81 -18.22 12.30 27.84
N LEU A 82 -17.55 12.98 26.92
CA LEU A 82 -17.89 12.82 25.51
C LEU A 82 -17.68 11.37 25.03
N THR A 83 -16.50 10.81 25.29
CA THR A 83 -16.07 9.56 24.66
C THR A 83 -16.28 8.34 25.52
N GLY A 84 -16.49 8.52 26.83
CA GLY A 84 -16.50 7.40 27.74
C GLY A 84 -15.13 6.87 28.07
N ILE A 85 -14.07 7.43 27.52
CA ILE A 85 -12.73 6.90 27.77
C ILE A 85 -12.22 7.48 29.08
N ILE A 86 -11.89 6.61 30.03
CA ILE A 86 -11.41 7.02 31.33
C ILE A 86 -9.89 6.99 31.32
N GLN A 87 -9.29 7.70 32.29
CA GLN A 87 -7.84 7.81 32.33
C GLN A 87 -7.15 6.44 32.31
N ALA A 88 -7.68 5.48 33.05
CA ALA A 88 -7.02 4.18 33.14
C ALA A 88 -7.00 3.47 31.80
N MET A 89 -7.83 3.90 30.86
CA MET A 89 -7.79 3.26 29.55
C MET A 89 -6.61 3.74 28.70
N VAL A 90 -6.07 4.94 28.97
CA VAL A 90 -4.94 5.46 28.20
C VAL A 90 -3.62 5.38 28.99
N ASP A 91 -3.68 5.36 30.32
CA ASP A 91 -2.47 5.15 31.11
C ASP A 91 -1.84 3.80 30.75
N GLY A 92 -0.52 3.77 30.62
CA GLY A 92 0.21 2.55 30.31
C GLY A 92 0.12 2.11 28.85
N GLN A 93 -0.61 2.84 28.01
CA GLN A 93 -0.72 2.46 26.61
C GLN A 93 0.48 2.93 25.82
N PRO A 94 0.73 2.34 24.66
CA PRO A 94 1.77 2.86 23.78
C PRO A 94 1.34 4.22 23.26
N SER A 95 2.31 5.00 22.83
CA SER A 95 1.96 6.29 22.23
C SER A 95 1.67 6.10 20.75
N LEU A 96 1.22 7.19 20.08
CA LEU A 96 0.78 7.06 18.70
C LEU A 96 1.87 6.43 17.82
N GLN A 97 3.13 6.81 18.04
CA GLN A 97 4.20 6.24 17.22
C GLN A 97 4.18 4.71 17.25
N GLN A 98 4.06 4.14 18.45
CA GLN A 98 4.03 2.68 18.54
C GLN A 98 2.74 2.10 17.99
N VAL A 99 1.61 2.77 18.22
CA VAL A 99 0.34 2.26 17.71
C VAL A 99 0.37 2.20 16.20
N LEU A 100 0.96 3.21 15.55
CA LEU A 100 1.04 3.17 14.10
C LEU A 100 1.90 1.98 13.64
N GLU A 101 2.93 1.64 14.41
CA GLU A 101 3.71 0.44 14.07
C GLU A 101 2.88 -0.81 14.27
N ARG A 102 2.02 -0.84 15.31
CA ARG A 102 1.14 -1.98 15.50
C ARG A 102 0.13 -2.12 14.37
N VAL A 103 -0.35 -0.97 13.83
CA VAL A 103 -1.25 -1.00 12.70
C VAL A 103 -0.56 -1.63 11.50
N ASP A 104 0.70 -1.24 11.26
CA ASP A 104 1.41 -1.78 10.11
C ASP A 104 1.55 -3.29 10.24
N GLU A 105 1.85 -3.76 11.45
CA GLU A 105 1.93 -5.19 11.67
C GLU A 105 0.57 -5.86 11.45
N TRP A 106 -0.49 -5.23 11.95
CA TRP A 106 -1.82 -5.81 11.75
C TRP A 106 -2.17 -5.85 10.28
N MET A 107 -1.87 -4.76 9.55
CA MET A 107 -2.09 -4.73 8.10
C MET A 107 -1.36 -5.89 7.44
N ALA A 108 -0.11 -6.13 7.82
CA ALA A 108 0.66 -7.20 7.22
C ALA A 108 0.02 -8.55 7.47
N LYS A 109 -0.36 -8.81 8.73
CA LYS A 109 -0.91 -10.12 9.08
C LYS A 109 -2.25 -10.34 8.41
N GLU A 110 -3.03 -9.26 8.23
CA GLU A 110 -4.35 -9.39 7.59
C GLU A 110 -4.23 -9.59 6.10
N GLY A 111 -3.03 -9.42 5.54
CA GLY A 111 -2.83 -9.60 4.13
C GLY A 111 -3.06 -8.35 3.32
N LEU A 112 -3.14 -7.19 3.97
CA LEU A 112 -3.54 -5.96 3.28
C LEU A 112 -2.37 -5.19 2.64
N LEU A 113 -1.15 -5.65 2.81
CA LEU A 113 -0.04 -5.00 2.14
C LEU A 113 0.29 -5.63 0.77
N ASP A 114 -0.40 -6.66 0.35
CA ASP A 114 -0.26 -7.20 -1.02
C ASP A 114 -0.77 -6.17 -2.02
N PRO A 115 0.04 -5.72 -2.99
CA PRO A 115 -0.46 -4.82 -4.02
C PRO A 115 -1.69 -5.34 -4.75
N ASN A 116 -1.89 -6.66 -4.86
CA ASN A 116 -3.06 -7.14 -5.57
C ASN A 116 -4.29 -7.30 -4.67
N VAL A 117 -4.18 -7.06 -3.37
CA VAL A 117 -5.34 -6.96 -2.47
C VAL A 117 -5.67 -5.48 -2.36
N LYS A 118 -6.86 -5.10 -2.81
CA LYS A 118 -7.24 -3.71 -2.87
C LYS A 118 -8.10 -3.39 -1.65
N SER A 119 -7.68 -2.37 -0.89
CA SER A 119 -8.46 -1.91 0.25
C SER A 119 -8.42 -0.39 0.33
N ILE A 120 -9.33 0.17 1.13
CA ILE A 120 -9.40 1.62 1.27
C ILE A 120 -10.05 1.91 2.62
N PHE A 121 -9.58 2.99 3.27
CA PHE A 121 -10.19 3.41 4.53
C PHE A 121 -11.51 4.13 4.29
N VAL A 122 -12.41 3.99 5.25
CA VAL A 122 -13.71 4.64 5.21
C VAL A 122 -13.91 5.35 6.53
N THR A 123 -14.25 6.64 6.46
CA THR A 123 -14.39 7.45 7.66
C THR A 123 -15.66 8.27 7.50
N CYS A 124 -16.20 8.70 8.64
CA CYS A 124 -17.35 9.58 8.66
C CYS A 124 -16.82 11.01 8.70
N GLY A 125 -16.80 11.64 7.53
CA GLY A 125 -16.19 12.96 7.35
C GLY A 125 -14.77 12.78 6.84
N ASP A 126 -14.11 13.89 6.59
CA ASP A 126 -12.72 13.82 6.20
C ASP A 126 -11.77 14.05 7.36
N TRP A 127 -12.28 14.41 8.54
CA TRP A 127 -11.41 14.93 9.59
C TRP A 127 -10.31 13.93 9.97
N ASP A 128 -10.68 12.66 10.12
CA ASP A 128 -9.74 11.70 10.69
C ASP A 128 -8.44 11.61 9.92
N LEU A 129 -8.52 11.43 8.59
CA LEU A 129 -7.33 11.23 7.78
C LEU A 129 -6.90 12.49 7.00
N LYS A 130 -7.78 13.50 6.89
CA LYS A 130 -7.34 14.75 6.27
C LYS A 130 -6.69 15.68 7.28
N VAL A 131 -7.14 15.62 8.54
CA VAL A 131 -6.71 16.62 9.52
C VAL A 131 -6.02 15.96 10.72
N MET A 132 -6.71 15.03 11.39
CA MET A 132 -6.24 14.56 12.71
C MET A 132 -4.94 13.78 12.59
N LEU A 133 -4.96 12.67 11.85
CA LEU A 133 -3.73 11.86 11.76
C LEU A 133 -2.57 12.61 11.11
N PRO A 134 -2.70 13.25 9.93
CA PRO A 134 -1.51 13.93 9.40
C PRO A 134 -1.06 15.09 10.27
N GLY A 135 -2.00 15.78 10.95
CA GLY A 135 -1.59 16.88 11.83
C GLY A 135 -0.73 16.40 13.00
N GLN A 136 -1.18 15.32 13.68
CA GLN A 136 -0.38 14.79 14.78
C GLN A 136 0.93 14.19 14.27
N CYS A 137 0.89 13.46 13.15
CA CYS A 137 2.14 12.92 12.62
C CYS A 137 3.12 14.04 12.29
N GLN A 138 2.63 15.15 11.71
CA GLN A 138 3.52 16.28 11.44
C GLN A 138 4.07 16.86 12.75
N TYR A 139 3.24 16.99 13.76
CA TYR A 139 3.70 17.52 15.05
C TYR A 139 4.82 16.66 15.63
N LEU A 140 4.70 15.34 15.49
CA LEU A 140 5.61 14.37 16.05
C LEU A 140 6.80 14.07 15.13
N GLY A 141 6.78 14.59 13.91
CA GLY A 141 7.81 14.27 12.94
C GLY A 141 7.72 12.86 12.41
N LEU A 142 6.51 12.28 12.35
CA LEU A 142 6.34 10.89 11.92
C LEU A 142 5.82 10.86 10.49
N PRO A 143 6.33 9.94 9.67
CA PRO A 143 5.76 9.75 8.34
C PRO A 143 4.38 9.10 8.45
N VAL A 144 3.51 9.41 7.51
CA VAL A 144 2.19 8.79 7.42
C VAL A 144 2.24 7.68 6.39
N ALA A 145 1.83 6.45 6.78
CA ALA A 145 1.86 5.32 5.85
C ALA A 145 0.96 5.60 4.65
N ASP A 146 1.38 5.09 3.48
CA ASP A 146 0.70 5.49 2.25
C ASP A 146 -0.76 5.07 2.26
N TYR A 147 -1.07 3.96 2.92
CA TYR A 147 -2.45 3.49 2.90
C TYR A 147 -3.38 4.41 3.68
N PHE A 148 -2.88 5.36 4.48
CA PHE A 148 -3.79 6.31 5.11
C PHE A 148 -4.10 7.49 4.21
N LYS A 149 -3.57 7.56 3.00
CA LYS A 149 -3.65 8.77 2.20
C LYS A 149 -4.80 8.76 1.23
N GLN A 150 -5.56 7.67 1.16
CA GLN A 150 -6.75 7.59 0.34
C GLN A 150 -7.88 7.11 1.21
N TRP A 151 -9.08 7.68 1.05
CA TRP A 151 -10.19 7.20 1.86
C TRP A 151 -11.52 7.54 1.20
N ILE A 152 -12.56 6.95 1.76
CA ILE A 152 -13.93 7.24 1.38
C ILE A 152 -14.55 7.99 2.54
N ASN A 153 -15.05 9.20 2.27
CA ASN A 153 -15.85 9.93 3.23
C ASN A 153 -17.29 9.42 3.13
N LEU A 154 -17.75 8.73 4.20
CA LEU A 154 -19.07 8.12 4.15
C LEU A 154 -20.18 9.15 3.94
N LYS A 155 -20.01 10.36 4.46
CA LYS A 155 -21.06 11.35 4.24
C LYS A 155 -21.21 11.66 2.75
N LYS A 156 -20.09 11.75 2.04
CA LYS A 156 -20.14 12.03 0.62
C LYS A 156 -20.68 10.82 -0.15
N ALA A 157 -20.21 9.62 0.20
CA ALA A 157 -20.72 8.41 -0.42
C ALA A 157 -22.23 8.33 -0.22
N TYR A 158 -22.67 8.53 1.01
CA TYR A 158 -24.10 8.53 1.30
C TYR A 158 -24.82 9.59 0.44
N SER A 159 -24.21 10.75 0.25
CA SER A 159 -24.91 11.79 -0.50
C SER A 159 -25.14 11.35 -1.95
N PHE A 160 -24.22 10.56 -2.52
CA PHE A 160 -24.46 10.04 -3.88
C PHE A 160 -25.47 8.89 -3.86
N ALA A 161 -25.38 8.02 -2.84
CA ALA A 161 -26.28 6.87 -2.75
C ALA A 161 -27.73 7.28 -2.51
N MET A 162 -27.94 8.29 -1.69
CA MET A 162 -29.28 8.69 -1.29
C MET A 162 -29.75 9.97 -1.96
N GLY A 163 -28.87 10.71 -2.64
CA GLY A 163 -29.29 11.98 -3.24
C GLY A 163 -29.44 13.11 -2.25
N CYS A 164 -28.91 12.99 -1.03
CA CYS A 164 -29.13 14.05 -0.03
C CYS A 164 -27.93 14.14 0.92
N TRP A 165 -27.70 15.35 1.44
CA TRP A 165 -26.58 15.59 2.36
CA TRP A 165 -26.59 15.61 2.35
C TRP A 165 -27.04 15.38 3.79
N PRO A 166 -26.47 14.42 4.51
CA PRO A 166 -26.87 14.24 5.92
C PRO A 166 -26.38 15.41 6.77
N LYS A 167 -27.22 15.85 7.69
CA LYS A 167 -26.89 17.00 8.53
C LYS A 167 -25.90 16.66 9.64
N ASN A 168 -26.18 15.62 10.43
CA ASN A 168 -25.33 15.25 11.58
C ASN A 168 -24.85 13.81 11.44
N GLY A 169 -23.97 13.58 10.46
CA GLY A 169 -23.12 12.40 10.49
C GLY A 169 -23.85 11.08 10.68
N LEU A 170 -23.31 10.23 11.57
CA LEU A 170 -23.83 8.87 11.71
C LEU A 170 -25.27 8.88 12.17
N LEU A 171 -25.62 9.79 13.08
CA LEU A 171 -26.99 9.79 13.59
C LEU A 171 -27.99 10.02 12.46
N ASP A 172 -27.70 10.97 11.59
CA ASP A 172 -28.65 11.27 10.51
C ASP A 172 -28.60 10.24 9.38
N MET A 173 -27.43 9.60 9.14
CA MET A 173 -27.42 8.54 8.13
C MET A 173 -28.19 7.32 8.63
N ASN A 174 -28.04 6.97 9.91
CA ASN A 174 -28.92 5.93 10.48
C ASN A 174 -30.40 6.32 10.39
N LYS A 175 -30.73 7.58 10.68
CA LYS A 175 -32.13 8.00 10.57
C LYS A 175 -32.67 7.83 9.16
N GLY A 176 -31.91 8.27 8.17
CA GLY A 176 -32.38 8.23 6.80
C GLY A 176 -32.58 6.81 6.31
N LEU A 177 -31.82 5.86 6.87
CA LEU A 177 -31.87 4.45 6.47
C LEU A 177 -32.72 3.61 7.42
N SER A 178 -33.32 4.21 8.45
CA SER A 178 -34.18 3.50 9.40
C SER A 178 -33.38 2.43 10.13
N LEU A 179 -32.15 2.76 10.47
CA LEU A 179 -31.31 1.85 11.23
C LEU A 179 -31.25 2.29 12.69
N GLN A 180 -31.27 1.30 13.58
CA GLN A 180 -31.03 1.58 15.00
C GLN A 180 -29.56 1.83 15.26
N HIS A 181 -29.27 2.82 16.09
CA HIS A 181 -27.88 3.13 16.40
C HIS A 181 -27.24 1.97 17.17
N ILE A 182 -25.98 1.66 16.83
CA ILE A 182 -25.24 0.60 17.50
C ILE A 182 -24.38 1.22 18.59
N GLY A 183 -24.56 0.77 19.83
CA GLY A 183 -23.69 1.17 20.89
C GLY A 183 -23.83 2.64 21.22
N ARG A 184 -22.69 3.22 21.60
CA ARG A 184 -22.59 4.55 22.20
C ARG A 184 -22.01 5.54 21.20
N PRO A 185 -22.68 6.64 20.85
CA PRO A 185 -22.01 7.67 20.00
C PRO A 185 -20.71 8.14 20.64
N HIS A 186 -19.71 8.41 19.82
CA HIS A 186 -18.40 8.91 20.26
C HIS A 186 -17.54 7.88 20.99
N SER A 187 -17.90 6.60 20.93
CA SER A 187 -16.97 5.51 21.17
C SER A 187 -16.44 5.13 19.80
N GLY A 188 -15.11 5.12 19.65
CA GLY A 188 -14.55 4.94 18.32
C GLY A 188 -14.97 3.61 17.72
N ILE A 189 -14.88 2.55 18.51
CA ILE A 189 -15.23 1.25 17.98
C ILE A 189 -16.72 1.18 17.65
N ASP A 190 -17.58 1.77 18.47
CA ASP A 190 -19.01 1.74 18.13
C ASP A 190 -19.33 2.64 16.93
N ASP A 191 -18.67 3.78 16.82
CA ASP A 191 -18.86 4.59 15.62
C ASP A 191 -18.50 3.77 14.39
N CYS A 192 -17.40 2.98 14.47
CA CYS A 192 -17.02 2.12 13.35
C CYS A 192 -18.11 1.10 13.02
N LYS A 193 -18.75 0.49 14.04
CA LYS A 193 -19.80 -0.48 13.78
C LYS A 193 -20.98 0.18 13.05
N ASN A 194 -21.28 1.43 13.37
CA ASN A 194 -22.35 2.12 12.66
C ASN A 194 -21.96 2.41 11.22
N ILE A 195 -20.71 2.84 10.99
CA ILE A 195 -20.27 3.03 9.62
C ILE A 195 -20.46 1.74 8.83
N ALA A 196 -20.02 0.62 9.44
CA ALA A 196 -20.10 -0.66 8.76
C ALA A 196 -21.56 -1.04 8.47
N ASN A 197 -22.46 -0.70 9.39
CA ASN A 197 -23.88 -1.03 9.21
C ASN A 197 -24.51 -0.15 8.12
N ILE A 198 -24.17 1.14 8.10
CA ILE A 198 -24.62 2.00 7.01
C ILE A 198 -24.07 1.52 5.66
N MET A 199 -22.79 1.16 5.59
CA MET A 199 -22.24 0.66 4.33
C MET A 199 -22.97 -0.59 3.86
N LYS A 200 -23.26 -1.51 4.78
CA LYS A 200 -23.96 -2.73 4.40
C LYS A 200 -25.31 -2.41 3.79
N THR A 201 -26.02 -1.45 4.38
CA THR A 201 -27.31 -1.06 3.85
C THR A 201 -27.17 -0.38 2.49
N LEU A 202 -26.18 0.52 2.33
CA LEU A 202 -26.00 1.14 1.01
C LEU A 202 -25.66 0.12 -0.06
N ALA A 203 -24.85 -0.89 0.28
CA ALA A 203 -24.56 -1.96 -0.68
C ALA A 203 -25.80 -2.79 -0.96
N TYR A 204 -26.63 -3.06 0.06
CA TYR A 204 -27.91 -3.72 -0.19
C TYR A 204 -28.75 -2.95 -1.21
N ARG A 205 -28.79 -1.62 -1.11
CA ARG A 205 -29.56 -0.83 -2.06
C ARG A 205 -28.89 -0.74 -3.43
N GLY A 206 -27.69 -1.28 -3.61
CA GLY A 206 -27.01 -1.32 -4.89
C GLY A 206 -25.85 -0.35 -5.09
N PHE A 207 -25.38 0.30 -4.03
CA PHE A 207 -24.36 1.34 -4.19
C PHE A 207 -22.98 0.71 -4.34
N ILE A 208 -22.19 1.24 -5.28
CA ILE A 208 -20.79 0.87 -5.48
C ILE A 208 -19.92 1.99 -4.93
N PHE A 209 -19.10 1.66 -3.91
CA PHE A 209 -18.30 2.67 -3.24
C PHE A 209 -17.09 3.08 -4.07
N LYS A 210 -16.73 4.36 -3.96
CA LYS A 210 -15.62 4.95 -4.68
C LYS A 210 -14.81 5.83 -3.75
N GLN A 211 -13.49 5.87 -3.98
CA GLN A 211 -12.65 6.82 -3.28
C GLN A 211 -13.21 8.24 -3.44
N THR A 212 -13.23 9.01 -2.36
CA THR A 212 -13.62 10.40 -2.43
C THR A 212 -12.49 11.36 -2.12
N SER A 213 -11.46 10.94 -1.40
CA SER A 213 -10.36 11.84 -1.10
C SER A 213 -9.63 12.25 -2.37
N LYS A 214 -9.05 13.45 -2.33
CA LYS A 214 -8.38 14.05 -3.49
C LYS A 214 -6.89 13.77 -3.52
N MET B 15 8.79 11.29 -33.39
CA MET B 15 7.47 10.71 -33.14
C MET B 15 7.30 10.24 -31.69
N SER B 16 6.18 10.61 -31.08
CA SER B 16 5.84 10.18 -29.72
C SER B 16 5.30 8.76 -29.73
N PHE B 17 5.78 7.95 -28.77
CA PHE B 17 5.39 6.56 -28.59
C PHE B 17 5.54 5.75 -29.87
N PRO B 18 6.77 5.53 -30.33
CA PRO B 18 6.97 4.76 -31.58
C PRO B 18 6.66 3.29 -31.37
N PRO B 19 6.55 2.52 -32.46
CA PRO B 19 6.39 1.06 -32.32
C PRO B 19 7.63 0.45 -31.69
N GLN B 20 7.42 -0.53 -30.82
CA GLN B 20 8.51 -1.16 -30.11
C GLN B 20 8.75 -2.56 -30.62
N ARG B 21 9.92 -3.11 -30.26
CA ARG B 21 10.33 -4.45 -30.70
C ARG B 21 9.72 -5.56 -29.88
N TYR B 22 8.99 -5.23 -28.79
CA TYR B 22 8.46 -6.20 -27.84
C TYR B 22 6.98 -5.93 -27.61
N HIS B 23 6.21 -7.01 -27.43
CA HIS B 23 4.79 -6.86 -27.11
C HIS B 23 4.58 -6.38 -25.69
N TYR B 24 5.50 -6.73 -24.79
CA TYR B 24 5.37 -6.32 -23.41
C TYR B 24 6.76 -6.12 -22.84
N PHE B 25 6.86 -5.21 -21.87
CA PHE B 25 8.06 -5.08 -21.05
C PHE B 25 7.71 -5.54 -19.65
N LEU B 26 8.61 -6.27 -19.02
CA LEU B 26 8.34 -6.86 -17.70
C LEU B 26 9.27 -6.17 -16.72
N VAL B 27 8.73 -5.24 -15.94
CA VAL B 27 9.53 -4.43 -15.03
C VAL B 27 9.72 -5.20 -13.73
N LEU B 28 10.97 -5.28 -13.25
CA LEU B 28 11.29 -6.07 -12.07
C LEU B 28 12.31 -5.29 -11.26
N ASP B 29 12.14 -5.25 -9.94
CA ASP B 29 13.10 -4.56 -9.09
C ASP B 29 13.06 -5.25 -7.74
N PHE B 30 14.01 -6.16 -7.49
CA PHE B 30 14.03 -6.91 -6.23
C PHE B 30 14.29 -6.03 -5.00
N GLU B 31 13.79 -6.47 -3.85
CA GLU B 31 14.48 -6.14 -2.60
C GLU B 31 15.11 -7.40 -2.04
N ALA B 32 16.18 -7.26 -1.23
CA ALA B 32 16.85 -8.42 -0.64
C ALA B 32 17.26 -8.11 0.80
N THR B 33 17.52 -9.16 1.59
CA THR B 33 18.10 -8.96 2.91
C THR B 33 19.41 -8.17 2.78
N CYS B 34 19.77 -7.47 3.85
CA CYS B 34 20.93 -6.60 3.83
C CYS B 34 21.24 -6.17 5.27
N ASP B 35 22.36 -5.47 5.41
CA ASP B 35 22.85 -4.96 6.68
C ASP B 35 24.05 -4.08 6.35
N LYS B 36 24.54 -3.39 7.37
CA LYS B 36 25.82 -2.67 7.31
C LYS B 36 26.65 -3.17 8.50
N PRO B 37 27.80 -3.84 8.27
CA PRO B 37 28.30 -4.17 6.92
C PRO B 37 27.42 -5.22 6.21
N GLN B 38 27.64 -5.43 4.90
CA GLN B 38 26.65 -6.15 4.10
C GLN B 38 26.53 -7.59 4.57
N ILE B 39 25.31 -8.12 4.54
CA ILE B 39 25.03 -9.50 4.94
C ILE B 39 25.49 -10.45 3.83
N HIS B 40 25.76 -11.70 4.21
CA HIS B 40 26.12 -12.72 3.21
C HIS B 40 25.63 -14.12 3.59
N PRO B 41 24.89 -14.81 2.70
CA PRO B 41 24.48 -14.26 1.40
C PRO B 41 23.27 -13.35 1.54
N GLN B 42 23.04 -12.49 0.55
CA GLN B 42 21.77 -11.79 0.47
C GLN B 42 20.73 -12.73 -0.12
N GLU B 43 19.47 -12.47 0.21
CA GLU B 43 18.36 -13.32 -0.19
C GLU B 43 17.20 -12.43 -0.63
N ILE B 44 16.56 -12.80 -1.74
CA ILE B 44 15.43 -12.03 -2.23
C ILE B 44 14.30 -12.08 -1.21
N ILE B 45 13.73 -10.91 -0.91
CA ILE B 45 12.56 -10.84 -0.03
C ILE B 45 11.37 -10.18 -0.69
N GLU B 46 11.52 -9.54 -1.87
CA GLU B 46 10.38 -8.97 -2.57
C GLU B 46 10.58 -9.18 -4.06
N PHE B 47 9.57 -9.73 -4.71
CA PHE B 47 9.65 -10.20 -6.09
C PHE B 47 8.50 -9.60 -6.87
N PRO B 48 8.65 -8.35 -7.39
CA PRO B 48 7.60 -7.72 -8.18
C PRO B 48 7.87 -7.82 -9.67
N ILE B 49 6.83 -7.97 -10.49
CA ILE B 49 6.90 -7.85 -11.96
C ILE B 49 5.69 -7.04 -12.41
N LEU B 50 5.91 -5.95 -13.13
CA LEU B 50 4.82 -5.23 -13.79
C LEU B 50 4.86 -5.58 -15.26
N LYS B 51 3.73 -6.05 -15.79
CA LYS B 51 3.58 -6.31 -17.22
C LYS B 51 3.11 -5.03 -17.91
N LEU B 52 3.98 -4.43 -18.72
CA LEU B 52 3.70 -3.16 -19.38
C LEU B 52 3.26 -3.41 -20.82
N ASN B 53 2.25 -2.67 -21.25
CA ASN B 53 1.90 -2.63 -22.66
C ASN B 53 3.12 -2.20 -23.48
N GLY B 54 3.45 -2.98 -24.51
CA GLY B 54 4.67 -2.74 -25.25
C GLY B 54 4.69 -1.41 -25.98
N ARG B 55 3.53 -0.83 -26.28
CA ARG B 55 3.48 0.45 -26.98
C ARG B 55 3.36 1.65 -26.03
N THR B 56 2.44 1.59 -25.07
CA THR B 56 2.08 2.72 -24.21
C THR B 56 2.83 2.73 -22.88
N MET B 57 3.43 1.62 -22.49
CA MET B 57 4.10 1.43 -21.21
C MET B 57 3.13 1.45 -20.04
N GLU B 58 1.82 1.39 -20.29
CA GLU B 58 0.85 1.29 -19.20
C GLU B 58 0.94 -0.07 -18.54
N ILE B 59 0.71 -0.08 -17.22
CA ILE B 59 0.72 -1.30 -16.43
C ILE B 59 -0.57 -2.08 -16.71
N GLU B 60 -0.44 -3.32 -17.19
CA GLU B 60 -1.61 -4.16 -17.44
C GLU B 60 -1.77 -5.31 -16.45
N SER B 61 -0.68 -5.79 -15.85
CA SER B 61 -0.77 -6.85 -14.85
C SER B 61 0.35 -6.67 -13.85
N THR B 62 0.10 -7.14 -12.63
CA THR B 62 1.09 -7.06 -11.57
C THR B 62 1.27 -8.44 -10.96
N PHE B 63 2.50 -8.96 -11.02
CA PHE B 63 2.90 -10.08 -10.16
C PHE B 63 3.57 -9.52 -8.92
N HIS B 64 3.19 -10.03 -7.74
CA HIS B 64 3.89 -9.56 -6.56
C HIS B 64 3.88 -10.61 -5.46
N MET B 65 5.07 -10.91 -4.94
CA MET B 65 5.14 -11.76 -3.77
C MET B 65 6.25 -11.26 -2.88
N TYR B 66 5.99 -11.23 -1.59
CA TYR B 66 7.10 -11.19 -0.66
C TYR B 66 7.66 -12.60 -0.52
N VAL B 67 8.93 -12.71 -0.15
CA VAL B 67 9.62 -14.00 -0.14
C VAL B 67 10.24 -14.24 1.22
N GLN B 68 10.15 -15.49 1.71
CA GLN B 68 10.72 -15.85 3.00
C GLN B 68 12.23 -16.13 2.89
N PRO B 69 13.10 -15.31 3.49
CA PRO B 69 14.52 -15.66 3.52
C PRO B 69 14.74 -16.79 4.49
N VAL B 70 15.80 -17.54 4.23
CA VAL B 70 16.05 -18.81 4.91
C VAL B 70 17.40 -18.80 5.62
N VAL B 71 18.45 -18.39 4.93
CA VAL B 71 19.78 -18.44 5.54
C VAL B 71 19.86 -17.46 6.70
N HIS B 72 19.39 -16.22 6.50
CA HIS B 72 19.29 -15.20 7.55
C HIS B 72 17.82 -14.79 7.64
N PRO B 73 17.01 -15.52 8.43
CA PRO B 73 15.55 -15.34 8.34
C PRO B 73 15.02 -14.10 9.02
N GLN B 74 15.78 -13.49 9.93
CA GLN B 74 15.33 -12.32 10.66
C GLN B 74 15.84 -11.07 9.96
N LEU B 75 14.92 -10.26 9.45
CA LEU B 75 15.30 -9.02 8.76
C LEU B 75 16.00 -8.11 9.76
N THR B 76 17.13 -7.52 9.35
CA THR B 76 17.84 -6.63 10.27
C THR B 76 17.10 -5.30 10.41
N PRO B 77 17.34 -4.55 11.50
CA PRO B 77 16.78 -3.19 11.55
C PRO B 77 17.18 -2.37 10.34
N PHE B 78 18.42 -2.52 9.88
CA PHE B 78 18.87 -1.80 8.70
C PHE B 78 18.00 -2.14 7.48
N CYS B 79 17.73 -3.43 7.28
CA CYS B 79 16.96 -3.86 6.11
C CYS B 79 15.53 -3.32 6.16
N THR B 80 14.89 -3.40 7.33
CA THR B 80 13.54 -2.88 7.49
C THR B 80 13.53 -1.36 7.33
N GLU B 81 14.60 -0.69 7.77
CA GLU B 81 14.74 0.74 7.57
C GLU B 81 14.90 1.07 6.09
N LEU B 82 15.73 0.31 5.38
CA LEU B 82 15.95 0.62 3.97
C LEU B 82 14.68 0.41 3.15
N THR B 83 14.07 -0.78 3.27
CA THR B 83 13.01 -1.23 2.37
C THR B 83 11.61 -1.00 2.89
N GLY B 84 11.47 -0.74 4.19
CA GLY B 84 10.15 -0.73 4.80
C GLY B 84 9.55 -2.10 5.03
N ILE B 85 10.21 -3.18 4.65
CA ILE B 85 9.61 -4.51 4.81
C ILE B 85 9.84 -4.99 6.24
N ILE B 86 8.76 -5.32 6.94
CA ILE B 86 8.84 -5.82 8.31
C ILE B 86 8.75 -7.34 8.32
N GLN B 87 9.14 -7.93 9.46
CA GLN B 87 9.19 -9.39 9.60
C GLN B 87 7.85 -10.02 9.24
N ALA B 88 6.73 -9.42 9.69
CA ALA B 88 5.44 -10.04 9.43
C ALA B 88 5.08 -10.11 7.94
N MET B 89 5.79 -9.40 7.07
CA MET B 89 5.52 -9.45 5.64
C MET B 89 6.20 -10.62 4.96
N VAL B 90 7.25 -11.19 5.57
CA VAL B 90 7.95 -12.33 4.98
C VAL B 90 7.70 -13.64 5.72
N ASP B 91 7.29 -13.61 6.99
CA ASP B 91 7.05 -14.85 7.72
C ASP B 91 6.01 -15.72 7.01
N GLY B 92 6.26 -17.02 6.93
CA GLY B 92 5.30 -17.91 6.30
C GLY B 92 5.19 -17.80 4.77
N GLN B 93 5.89 -16.87 4.12
CA GLN B 93 5.77 -16.74 2.69
C GLN B 93 6.50 -17.87 1.99
N PRO B 94 6.17 -18.15 0.73
CA PRO B 94 6.92 -19.17 0.01
C PRO B 94 8.38 -18.78 -0.10
N SER B 95 9.22 -19.79 -0.23
CA SER B 95 10.63 -19.53 -0.43
C SER B 95 10.90 -19.22 -1.91
N LEU B 96 12.14 -18.79 -2.21
CA LEU B 96 12.45 -18.37 -3.57
C LEU B 96 12.11 -19.45 -4.60
N GLN B 97 12.39 -20.72 -4.30
CA GLN B 97 12.06 -21.78 -5.27
C GLN B 97 10.58 -21.78 -5.62
N GLN B 98 9.71 -21.66 -4.60
CA GLN B 98 8.27 -21.68 -4.82
C GLN B 98 7.78 -20.42 -5.51
N VAL B 99 8.32 -19.26 -5.12
CA VAL B 99 7.98 -18.02 -5.81
C VAL B 99 8.33 -18.14 -7.28
N LEU B 100 9.48 -18.76 -7.58
CA LEU B 100 9.87 -18.88 -8.97
C LEU B 100 8.87 -19.75 -9.71
N GLU B 101 8.32 -20.76 -9.03
CA GLU B 101 7.25 -21.53 -9.67
C GLU B 101 6.01 -20.68 -9.89
N ARG B 102 5.65 -19.84 -8.90
CA ARG B 102 4.50 -18.96 -9.09
C ARG B 102 4.74 -17.94 -10.20
N VAL B 103 5.99 -17.46 -10.35
CA VAL B 103 6.32 -16.56 -11.46
C VAL B 103 6.02 -17.23 -12.79
N ASP B 104 6.39 -18.50 -12.92
CA ASP B 104 6.19 -19.22 -14.17
C ASP B 104 4.70 -19.39 -14.48
N GLU B 105 3.90 -19.67 -13.45
CA GLU B 105 2.45 -19.76 -13.60
C GLU B 105 1.84 -18.44 -14.06
N TRP B 106 2.32 -17.33 -13.48
CA TRP B 106 1.88 -16.00 -13.90
C TRP B 106 2.30 -15.70 -15.33
N MET B 107 3.55 -16.06 -15.67
CA MET B 107 4.00 -15.96 -17.05
C MET B 107 3.08 -16.73 -17.99
N ALA B 108 2.69 -17.95 -17.62
CA ALA B 108 1.80 -18.74 -18.46
C ALA B 108 0.44 -18.07 -18.62
N LYS B 109 -0.15 -17.64 -17.49
CA LYS B 109 -1.50 -17.09 -17.47
C LYS B 109 -1.60 -15.82 -18.32
N GLU B 110 -0.55 -15.00 -18.30
CA GLU B 110 -0.51 -13.73 -19.03
C GLU B 110 -0.19 -13.88 -20.50
N GLY B 111 0.08 -15.11 -20.96
CA GLY B 111 0.41 -15.34 -22.35
C GLY B 111 1.86 -15.12 -22.69
N LEU B 112 2.71 -14.96 -21.68
CA LEU B 112 4.11 -14.59 -21.87
C LEU B 112 5.01 -15.79 -22.11
N LEU B 113 4.47 -17.01 -22.03
CA LEU B 113 5.18 -18.23 -22.37
C LEU B 113 4.92 -18.66 -23.82
N ASP B 114 4.03 -17.97 -24.51
CA ASP B 114 3.77 -18.20 -25.92
C ASP B 114 5.02 -17.82 -26.72
N PRO B 115 5.59 -18.72 -27.54
CA PRO B 115 6.73 -18.32 -28.39
C PRO B 115 6.46 -17.10 -29.27
N ASN B 116 5.18 -16.86 -29.59
CA ASN B 116 4.83 -15.78 -30.50
C ASN B 116 4.65 -14.43 -29.82
N VAL B 117 4.65 -14.39 -28.48
CA VAL B 117 4.60 -13.15 -27.73
C VAL B 117 6.02 -12.82 -27.30
N LYS B 118 6.50 -11.65 -27.70
CA LYS B 118 7.85 -11.21 -27.41
C LYS B 118 7.83 -10.25 -26.23
N SER B 119 8.59 -10.58 -25.19
CA SER B 119 8.73 -9.75 -24.01
C SER B 119 10.18 -9.81 -23.54
N ILE B 120 10.53 -8.89 -22.64
CA ILE B 120 11.87 -8.80 -22.07
C ILE B 120 11.74 -8.08 -20.74
N PHE B 121 12.59 -8.47 -19.80
CA PHE B 121 12.62 -7.81 -18.51
C PHE B 121 13.36 -6.49 -18.61
N VAL B 122 12.94 -5.55 -17.76
CA VAL B 122 13.56 -4.23 -17.64
C VAL B 122 13.88 -4.03 -16.17
N THR B 123 15.13 -3.70 -15.87
CA THR B 123 15.59 -3.51 -14.50
C THR B 123 16.36 -2.19 -14.42
N CYS B 124 16.45 -1.64 -13.20
CA CYS B 124 17.27 -0.48 -12.94
C CYS B 124 18.64 -1.01 -12.54
N GLY B 125 19.58 -1.02 -13.49
CA GLY B 125 20.86 -1.63 -13.28
C GLY B 125 20.87 -3.06 -13.81
N ASP B 126 22.03 -3.70 -13.69
CA ASP B 126 22.15 -5.12 -14.06
C ASP B 126 22.11 -6.08 -12.86
N TRP B 127 22.14 -5.57 -11.64
CA TRP B 127 22.37 -6.42 -10.46
C TRP B 127 21.31 -7.51 -10.31
N ASP B 128 20.02 -7.16 -10.47
CA ASP B 128 18.94 -8.10 -10.15
C ASP B 128 19.11 -9.42 -10.88
N LEU B 129 19.30 -9.34 -12.20
CA LEU B 129 19.31 -10.55 -13.02
C LEU B 129 20.71 -11.00 -13.39
N LYS B 130 21.71 -10.16 -13.23
CA LYS B 130 23.07 -10.62 -13.48
C LYS B 130 23.73 -11.21 -12.25
N VAL B 131 23.35 -10.72 -11.06
CA VAL B 131 24.07 -11.00 -9.83
C VAL B 131 23.13 -11.69 -8.85
N MET B 132 22.04 -11.01 -8.49
CA MET B 132 21.21 -11.45 -7.37
C MET B 132 20.51 -12.76 -7.66
N LEU B 133 19.66 -12.78 -8.69
CA LEU B 133 18.88 -13.99 -8.94
C LEU B 133 19.77 -15.18 -9.26
N PRO B 134 20.68 -15.12 -10.23
CA PRO B 134 21.50 -16.31 -10.50
C PRO B 134 22.42 -16.67 -9.34
N GLY B 135 22.87 -15.70 -8.56
CA GLY B 135 23.68 -16.03 -7.39
C GLY B 135 22.91 -16.83 -6.35
N GLN B 136 21.71 -16.37 -5.99
CA GLN B 136 20.90 -17.14 -5.04
C GLN B 136 20.49 -18.49 -5.64
N CYS B 137 20.13 -18.51 -6.92
CA CYS B 137 19.77 -19.79 -7.53
C CYS B 137 20.96 -20.73 -7.52
N GLN B 138 22.16 -20.21 -7.78
CA GLN B 138 23.37 -21.03 -7.70
C GLN B 138 23.59 -21.55 -6.29
N TYR B 139 23.37 -20.69 -5.28
CA TYR B 139 23.48 -21.13 -3.89
C TYR B 139 22.49 -22.25 -3.59
N LEU B 140 21.26 -22.12 -4.09
CA LEU B 140 20.20 -23.09 -3.78
C LEU B 140 20.22 -24.31 -4.68
N GLY B 141 21.08 -24.35 -5.70
CA GLY B 141 21.08 -25.46 -6.63
C GLY B 141 19.89 -25.52 -7.57
N LEU B 142 19.29 -24.37 -7.89
CA LEU B 142 18.09 -24.12 -8.70
C LEU B 142 18.46 -23.64 -10.11
N PRO B 143 17.72 -24.10 -11.12
CA PRO B 143 17.87 -23.54 -12.47
C PRO B 143 17.20 -22.19 -12.57
N VAL B 144 17.74 -21.33 -13.44
CA VAL B 144 17.15 -20.04 -13.75
C VAL B 144 16.37 -20.17 -15.07
N ALA B 145 15.09 -19.81 -15.05
CA ALA B 145 14.28 -19.89 -16.25
C ALA B 145 14.88 -18.99 -17.32
N ASP B 146 14.68 -19.41 -18.59
CA ASP B 146 15.35 -18.76 -19.70
C ASP B 146 14.95 -17.29 -19.86
N TYR B 147 13.69 -16.95 -19.54
CA TYR B 147 13.23 -15.58 -19.77
C TYR B 147 13.88 -14.55 -18.84
N PHE B 148 14.56 -15.00 -17.77
CA PHE B 148 15.33 -14.12 -16.88
C PHE B 148 16.74 -13.83 -17.40
N LYS B 149 17.13 -14.40 -18.54
CA LYS B 149 18.51 -14.33 -19.00
C LYS B 149 18.74 -13.22 -20.02
N GLN B 150 17.68 -12.51 -20.42
CA GLN B 150 17.76 -11.33 -21.28
C GLN B 150 17.07 -10.17 -20.58
N TRP B 151 17.67 -8.98 -20.60
CA TRP B 151 16.99 -7.84 -19.98
C TRP B 151 17.50 -6.53 -20.58
N ILE B 152 16.79 -5.45 -20.24
CA ILE B 152 17.12 -4.07 -20.56
C ILE B 152 17.49 -3.37 -19.27
N ASN B 153 18.69 -2.80 -19.20
CA ASN B 153 19.10 -1.97 -18.08
C ASN B 153 18.59 -0.56 -18.35
N LEU B 154 17.63 -0.10 -17.54
CA LEU B 154 17.04 1.21 -17.75
C LEU B 154 18.07 2.33 -17.70
N LYS B 155 19.12 2.19 -16.88
CA LYS B 155 20.13 3.23 -16.82
C LYS B 155 20.82 3.38 -18.17
N LYS B 156 21.03 2.27 -18.86
CA LYS B 156 21.67 2.33 -20.16
C LYS B 156 20.74 2.95 -21.19
N ALA B 157 19.46 2.55 -21.20
CA ALA B 157 18.48 3.20 -22.09
C ALA B 157 18.40 4.70 -21.84
N TYR B 158 18.28 5.08 -20.57
CA TYR B 158 18.26 6.50 -20.19
C TYR B 158 19.51 7.21 -20.69
N SER B 159 20.68 6.58 -20.55
CA SER B 159 21.90 7.26 -20.98
C SER B 159 21.90 7.49 -22.49
N PHE B 160 21.27 6.61 -23.26
CA PHE B 160 21.15 6.86 -24.70
C PHE B 160 20.20 8.00 -25.01
N ALA B 161 19.06 8.02 -24.32
CA ALA B 161 18.05 9.03 -24.57
C ALA B 161 18.50 10.41 -24.12
N MET B 162 19.22 10.50 -23.01
CA MET B 162 19.55 11.77 -22.37
C MET B 162 21.02 12.19 -22.53
N GLY B 163 21.91 11.28 -22.93
CA GLY B 163 23.32 11.63 -23.02
C GLY B 163 24.05 11.68 -21.68
N CYS B 164 23.48 11.15 -20.62
CA CYS B 164 24.14 11.21 -19.32
C CYS B 164 23.76 9.97 -18.55
N TRP B 165 24.61 9.61 -17.59
CA TRP B 165 24.44 8.39 -16.83
C TRP B 165 24.02 8.76 -15.42
N PRO B 166 22.89 8.26 -14.94
CA PRO B 166 22.39 8.69 -13.63
C PRO B 166 23.28 8.18 -12.51
N LYS B 167 23.54 9.05 -11.53
CA LYS B 167 24.43 8.68 -10.42
C LYS B 167 23.77 7.66 -9.50
N ASN B 168 22.53 7.93 -9.09
CA ASN B 168 21.83 7.11 -8.09
C ASN B 168 20.44 6.72 -8.63
N GLY B 169 20.47 5.89 -9.67
CA GLY B 169 19.29 5.13 -10.08
C GLY B 169 18.02 5.94 -10.30
N LEU B 170 16.91 5.43 -9.75
CA LEU B 170 15.60 5.97 -10.04
C LEU B 170 15.44 7.41 -9.58
N LEU B 171 15.94 7.73 -8.38
CA LEU B 171 15.79 9.11 -7.90
C LEU B 171 16.45 10.06 -8.87
N ASP B 172 17.64 9.69 -9.40
CA ASP B 172 18.29 10.62 -10.31
C ASP B 172 17.67 10.63 -11.71
N MET B 173 17.12 9.52 -12.20
CA MET B 173 16.43 9.57 -13.49
C MET B 173 15.14 10.37 -13.38
N ASN B 174 14.42 10.25 -12.24
CA ASN B 174 13.30 11.15 -11.99
C ASN B 174 13.75 12.60 -11.96
N LYS B 175 14.87 12.89 -11.28
CA LYS B 175 15.35 14.28 -11.22
C LYS B 175 15.63 14.85 -12.61
N GLY B 176 16.34 14.09 -13.43
CA GLY B 176 16.73 14.59 -14.75
C GLY B 176 15.55 14.81 -15.67
N LEU B 177 14.50 14.00 -15.52
CA LEU B 177 13.30 14.09 -16.33
C LEU B 177 12.21 14.90 -15.67
N SER B 178 12.47 15.48 -14.48
CA SER B 178 11.53 16.34 -13.75
C SER B 178 10.24 15.59 -13.43
N LEU B 179 10.39 14.33 -13.01
CA LEU B 179 9.28 13.50 -12.57
C LEU B 179 9.28 13.45 -11.04
N GLN B 180 8.09 13.56 -10.44
CA GLN B 180 7.98 13.32 -9.00
C GLN B 180 8.09 11.83 -8.74
N HIS B 181 8.87 11.49 -7.73
CA HIS B 181 9.08 10.09 -7.38
C HIS B 181 7.76 9.52 -6.89
N ILE B 182 7.47 8.28 -7.29
CA ILE B 182 6.24 7.58 -6.88
C ILE B 182 6.52 6.69 -5.67
N GLY B 183 5.78 6.92 -4.59
CA GLY B 183 5.84 5.99 -3.48
C GLY B 183 7.17 6.06 -2.74
N ARG B 184 7.60 4.90 -2.26
CA ARG B 184 8.69 4.79 -1.32
C ARG B 184 9.94 4.24 -2.00
N PRO B 185 11.08 4.94 -2.03
CA PRO B 185 12.29 4.32 -2.59
C PRO B 185 12.62 3.03 -1.84
N HIS B 186 13.10 2.03 -2.57
CA HIS B 186 13.52 0.73 -2.05
C HIS B 186 12.35 -0.13 -1.58
N SER B 187 11.13 0.23 -1.92
CA SER B 187 10.03 -0.72 -1.93
C SER B 187 9.96 -1.26 -3.36
N GLY B 188 10.03 -2.57 -3.52
CA GLY B 188 10.17 -3.11 -4.86
C GLY B 188 9.02 -2.73 -5.75
N ILE B 189 7.81 -2.79 -5.25
CA ILE B 189 6.67 -2.47 -6.08
C ILE B 189 6.68 -1.00 -6.49
N ASP B 190 7.07 -0.12 -5.58
CA ASP B 190 7.11 1.30 -5.95
C ASP B 190 8.28 1.59 -6.89
N ASP B 191 9.42 0.93 -6.67
CA ASP B 191 10.53 1.09 -7.62
C ASP B 191 10.07 0.71 -9.03
N CYS B 192 9.32 -0.40 -9.16
CA CYS B 192 8.81 -0.80 -10.47
C CYS B 192 7.90 0.26 -11.05
N LYS B 193 7.06 0.89 -10.23
CA LYS B 193 6.18 1.95 -10.73
C LYS B 193 6.98 3.13 -11.26
N ASN B 194 8.11 3.41 -10.63
CA ASN B 194 8.99 4.47 -11.13
C ASN B 194 9.65 4.07 -12.43
N ILE B 195 10.10 2.82 -12.55
CA ILE B 195 10.68 2.34 -13.81
C ILE B 195 9.68 2.49 -14.93
N ALA B 196 8.44 2.04 -14.69
CA ALA B 196 7.42 2.10 -15.74
C ALA B 196 7.12 3.54 -16.14
N ASN B 197 7.13 4.44 -15.17
CA ASN B 197 6.88 5.85 -15.44
C ASN B 197 8.01 6.50 -16.24
N ILE B 198 9.26 6.22 -15.87
CA ILE B 198 10.39 6.69 -16.67
C ILE B 198 10.35 6.12 -18.09
N MET B 199 10.05 4.81 -18.21
CA MET B 199 9.93 4.22 -19.55
C MET B 199 8.90 4.96 -20.37
N LYS B 200 7.77 5.30 -19.75
CA LYS B 200 6.72 6.02 -20.45
C LYS B 200 7.23 7.36 -20.98
N THR B 201 8.00 8.07 -20.15
CA THR B 201 8.54 9.37 -20.54
C THR B 201 9.57 9.22 -21.67
N LEU B 202 10.44 8.21 -21.58
CA LEU B 202 11.40 8.00 -22.66
C LEU B 202 10.69 7.61 -23.97
N ALA B 203 9.69 6.74 -23.92
CA ALA B 203 8.94 6.41 -25.13
C ALA B 203 8.14 7.60 -25.61
N TYR B 204 7.62 8.39 -24.67
CA TYR B 204 6.98 9.65 -25.02
C TYR B 204 7.90 10.52 -25.86
N ARG B 205 9.18 10.61 -25.49
CA ARG B 205 10.17 11.38 -26.24
C ARG B 205 10.64 10.68 -27.49
N GLY B 206 10.22 9.45 -27.77
CA GLY B 206 10.57 8.79 -29.01
C GLY B 206 11.59 7.66 -28.91
N PHE B 207 11.90 7.17 -27.71
CA PHE B 207 12.95 6.15 -27.55
C PHE B 207 12.41 4.77 -27.89
N ILE B 208 13.21 3.98 -28.61
CA ILE B 208 12.90 2.58 -28.91
C ILE B 208 13.82 1.68 -28.09
N PHE B 209 13.24 0.89 -27.21
CA PHE B 209 14.04 0.11 -26.27
C PHE B 209 14.69 -1.09 -26.95
N LYS B 210 15.89 -1.45 -26.48
CA LYS B 210 16.61 -2.59 -27.01
C LYS B 210 17.20 -3.39 -25.87
N GLN B 211 17.30 -4.70 -26.07
CA GLN B 211 18.02 -5.55 -25.11
C GLN B 211 19.43 -4.98 -24.86
N THR B 212 19.85 -4.99 -23.58
CA THR B 212 21.20 -4.55 -23.27
C THR B 212 22.10 -5.63 -22.71
N SER B 213 21.54 -6.70 -22.13
CA SER B 213 22.34 -7.82 -21.66
C SER B 213 23.00 -8.54 -22.82
N LYS B 214 24.18 -9.10 -22.56
CA LYS B 214 25.00 -9.76 -23.58
C LYS B 214 24.71 -11.25 -23.60
P AMP C . -16.35 11.80 17.02
O1P AMP C . -15.83 10.75 16.03
O2P AMP C . -16.38 11.18 18.43
O3P AMP C . -17.69 12.41 16.72
O5' AMP C . -15.31 12.99 17.12
C5' AMP C . -13.92 12.81 17.06
C4' AMP C . -13.24 13.70 18.09
O4' AMP C . -13.63 15.08 17.86
C3' AMP C . -13.65 13.45 19.54
O3' AMP C . -12.93 12.37 20.15
C2' AMP C . -13.32 14.79 20.19
O2' AMP C . -11.90 14.90 20.34
C1' AMP C . -13.75 15.77 19.08
N9 AMP C . -15.16 16.18 19.24
C8 AMP C . -16.23 15.48 18.78
N7 AMP C . -17.40 16.10 19.16
C5 AMP C . -17.03 17.18 19.89
C6 AMP C . -17.76 18.24 20.58
N6 AMP C . -19.11 18.26 20.53
N1 AMP C . -17.04 19.16 21.25
C2 AMP C . -15.69 19.10 21.30
N3 AMP C . -14.95 18.16 20.68
C4 AMP C . -15.59 17.20 19.97
MG MG D . -15.41 10.60 14.05
MG MG E . -15.74 8.58 16.76
P AMP F . 17.13 -1.35 -4.39
O1P AMP F . 17.81 0.00 -4.60
O2P AMP F . 16.23 -1.35 -3.19
O3P AMP F . 16.41 -1.93 -5.63
O5' AMP F . 18.31 -2.34 -3.97
C5' AMP F . 18.12 -3.75 -3.97
C4' AMP F . 18.73 -4.38 -2.73
O4' AMP F . 20.15 -3.99 -2.62
C3' AMP F . 18.14 -3.91 -1.41
O3' AMP F . 16.89 -4.50 -1.07
C2' AMP F . 19.28 -4.21 -0.43
O2' AMP F . 19.34 -5.59 -0.17
C1' AMP F . 20.50 -3.81 -1.27
N9 AMP F . 20.83 -2.40 -1.05
C8 AMP F . 20.37 -1.34 -1.77
N7 AMP F . 20.86 -0.18 -1.27
C5 AMP F . 21.63 -0.49 -0.21
C6 AMP F . 22.44 0.27 0.76
N6 AMP F . 22.49 1.62 0.69
N1 AMP F . 23.10 -0.42 1.72
C2 AMP F . 23.04 -1.77 1.81
N3 AMP F . 22.30 -2.52 0.96
C4 AMP F . 21.62 -1.94 -0.06
MG MG G . 16.87 -2.31 -7.56
MG MG H . 14.13 -2.10 -5.57
C1 GOL I . 23.71 -4.31 -4.94
O1 GOL I . 23.40 -4.58 -3.59
C2 GOL I . 22.83 -3.12 -5.44
O2 GOL I . 21.50 -3.42 -5.38
C3 GOL I . 23.27 -2.91 -6.88
O3 GOL I . 24.67 -2.94 -6.88
#